data_4ML4
#
_entry.id   4ML4
#
_cell.length_a   61.174
_cell.length_b   67.088
_cell.length_c   106.569
_cell.angle_alpha   90.00
_cell.angle_beta   90.00
_cell.angle_gamma   90.00
#
_symmetry.space_group_name_H-M   'P 21 21 21'
#
loop_
_entity.id
_entity.type
_entity.pdbx_description
1 polymer 'Chitinase-3-like protein 1'
2 non-polymer 2-acetamido-2-deoxy-beta-D-glucopyranose
3 non-polymer TETRAHYDROPYRAN
4 water water
#
_entity_poly.entity_id   1
_entity_poly.type   'polypeptide(L)'
_entity_poly.pdbx_seq_one_letter_code
;YKLICYYTSWSQYREGDGSCFPDAIDPFLCTHVIYSFANISNNEIDTWEWNDVTLYDTLNTLKNRNPNLKTLLSVGGWNY
GSQRFSKIASKTQSRRTFIKSVPPFLRTHGFDGLDLAWLWPGWRDKRHLTTLVKEMKAEFVREAQAGTEQLLLSAAVTAG
KIAIDRGYDIAQISRHLDFISLLTYDFHGAWRQTVGHHSPLFRGNEDASSRFSNADYAVSYMLRLGAPANKLVMGIPTFG
RSYTLASSKTDVGAPISGPGIPGRFTKWKGILAYYEICDFLHGATTHRFRDQQVPYATKGNQWVAYDDQESVKNKARYLK
NRQLAGAMVWALDLDDFRGTFCGQNLTFPLTSAIKDVLARV
;
_entity_poly.pdbx_strand_id   A
#
loop_
_chem_comp.id
_chem_comp.type
_chem_comp.name
_chem_comp.formula
NAG D-saccharide, beta linking 2-acetamido-2-deoxy-beta-D-glucopyranose 'C8 H15 N O6'
PYE non-polymer TETRAHYDROPYRAN 'C5 H10 O'
#
# COMPACT_ATOMS: atom_id res chain seq x y z
N TYR A 1 -17.51 -3.84 3.90
CA TYR A 1 -16.02 -4.04 3.69
C TYR A 1 -15.43 -3.03 2.71
N LYS A 2 -14.37 -2.33 3.12
CA LYS A 2 -13.71 -1.42 2.21
C LYS A 2 -12.67 -2.10 1.34
N LEU A 3 -12.53 -1.66 0.08
CA LEU A 3 -11.41 -2.02 -0.74
C LEU A 3 -10.71 -0.71 -1.13
N ILE A 4 -9.55 -0.47 -0.46
CA ILE A 4 -8.78 0.74 -0.58
C ILE A 4 -7.63 0.45 -1.54
N CYS A 5 -7.59 1.14 -2.67
CA CYS A 5 -6.61 0.82 -3.69
C CYS A 5 -5.78 1.98 -3.99
N TYR A 6 -4.48 1.75 -4.14
CA TYR A 6 -3.55 2.83 -4.44
C TYR A 6 -3.34 2.93 -5.92
N TYR A 7 -3.27 4.16 -6.40
CA TYR A 7 -2.76 4.41 -7.71
C TYR A 7 -1.51 5.25 -7.60
N THR A 8 -0.48 4.86 -8.33
CA THR A 8 0.73 5.65 -8.38
C THR A 8 0.91 6.60 -9.58
N SER A 9 1.27 7.84 -9.26
CA SER A 9 1.65 8.91 -10.21
C SER A 9 2.56 8.53 -11.35
N TRP A 10 3.67 7.94 -10.97
CA TRP A 10 4.81 7.73 -11.88
C TRP A 10 4.55 6.54 -12.81
N SER A 11 3.42 5.90 -12.63
CA SER A 11 3.03 4.77 -13.49
C SER A 11 2.75 5.17 -14.96
N GLN A 12 2.27 6.38 -15.19
CA GLN A 12 2.07 6.92 -16.57
C GLN A 12 3.30 6.92 -17.49
N TYR A 13 4.52 6.92 -16.94
CA TYR A 13 5.79 7.00 -17.72
C TYR A 13 6.36 5.68 -18.21
N ARG A 14 5.87 4.58 -17.67
CA ARG A 14 6.34 3.28 -18.12
C ARG A 14 6.01 3.06 -19.57
N GLU A 15 6.87 2.29 -20.23
CA GLU A 15 6.80 2.09 -21.65
C GLU A 15 5.68 1.14 -22.08
N GLY A 16 5.27 1.33 -23.33
CA GLY A 16 4.24 0.53 -23.99
C GLY A 16 3.11 0.19 -23.04
N ASP A 17 2.94 -1.10 -22.78
CA ASP A 17 1.76 -1.58 -22.06
C ASP A 17 1.81 -1.23 -20.55
N GLY A 18 3.00 -0.98 -20.01
CA GLY A 18 3.15 -0.56 -18.62
C GLY A 18 2.57 0.82 -18.23
N SER A 19 2.39 1.70 -19.22
CA SER A 19 1.78 3.02 -19.00
C SER A 19 0.35 2.93 -18.44
N CYS A 20 0.14 3.46 -17.23
CA CYS A 20 -1.20 3.48 -16.61
C CYS A 20 -1.58 4.92 -16.25
N PHE A 21 -2.78 5.32 -16.61
CA PHE A 21 -3.37 6.59 -16.13
C PHE A 21 -4.62 6.24 -15.36
N PRO A 22 -5.14 7.17 -14.56
CA PRO A 22 -6.38 6.82 -13.87
C PRO A 22 -7.58 6.44 -14.77
N ASP A 23 -7.45 6.67 -16.09
CA ASP A 23 -8.53 6.44 -17.04
C ASP A 23 -8.85 4.94 -17.05
N ALA A 24 -7.79 4.14 -16.91
CA ALA A 24 -7.88 2.67 -16.96
C ALA A 24 -8.49 2.00 -15.70
N ILE A 25 -8.74 2.77 -14.66
CA ILE A 25 -9.28 2.18 -13.43
C ILE A 25 -10.80 1.95 -13.57
N ASP A 26 -11.24 0.72 -13.43
CA ASP A 26 -12.66 0.42 -13.44
C ASP A 26 -13.27 0.99 -12.13
N PRO A 27 -14.30 1.85 -12.26
CA PRO A 27 -14.75 2.65 -11.11
C PRO A 27 -15.64 1.90 -10.15
N PHE A 28 -15.87 0.63 -10.43
CA PHE A 28 -16.70 -0.21 -9.58
C PHE A 28 -15.87 -1.27 -8.88
N LEU A 29 -14.58 -1.33 -9.23
CA LEU A 29 -13.61 -2.16 -8.53
C LEU A 29 -13.43 -1.86 -7.01
N CYS A 30 -12.99 -0.65 -6.68
CA CYS A 30 -12.59 -0.31 -5.32
C CYS A 30 -13.68 0.48 -4.65
N THR A 31 -13.63 0.61 -3.30
CA THR A 31 -14.43 1.65 -2.61
C THR A 31 -13.68 2.97 -2.51
N HIS A 32 -12.35 2.93 -2.42
CA HIS A 32 -11.54 4.12 -2.21
C HIS A 32 -10.34 3.90 -3.06
N VAL A 33 -10.03 4.87 -3.89
CA VAL A 33 -8.80 4.84 -4.71
C VAL A 33 -7.95 6.00 -4.16
N ILE A 34 -6.64 5.77 -3.93
CA ILE A 34 -5.80 6.77 -3.27
C ILE A 34 -4.68 7.09 -4.20
N TYR A 35 -4.54 8.38 -4.52
CA TYR A 35 -3.51 8.92 -5.38
C TYR A 35 -2.23 9.20 -4.64
N SER A 36 -1.12 8.70 -5.19
CA SER A 36 0.19 8.75 -4.59
C SER A 36 1.18 9.24 -5.56
N PHE A 37 2.01 10.21 -5.19
CA PHE A 37 2.01 10.90 -3.92
C PHE A 37 1.90 12.35 -4.15
N ALA A 38 1.46 13.11 -3.16
CA ALA A 38 1.53 14.57 -3.16
C ALA A 38 2.80 15.09 -2.43
N ASN A 39 3.39 16.18 -2.96
CA ASN A 39 4.46 16.93 -2.34
C ASN A 39 4.01 17.88 -1.28
N ILE A 40 4.96 18.29 -0.43
CA ILE A 40 4.75 19.42 0.45
C ILE A 40 5.83 20.41 0.10
N SER A 41 5.42 21.64 -0.18
CA SER A 41 6.32 22.65 -0.67
C SER A 41 5.82 23.96 -0.12
N ASN A 42 6.70 24.79 0.42
CA ASN A 42 6.32 25.95 1.25
C ASN A 42 5.50 25.64 2.47
N ASN A 43 5.71 24.44 2.99
CA ASN A 43 4.94 23.97 4.12
C ASN A 43 3.48 23.76 3.80
N GLU A 44 3.22 23.40 2.56
CA GLU A 44 1.82 23.31 2.10
C GLU A 44 1.59 22.17 1.14
N ILE A 45 0.47 21.48 1.22
CA ILE A 45 0.29 20.36 0.35
C ILE A 45 0.39 20.81 -1.09
N ASP A 46 0.92 19.98 -1.97
CA ASP A 46 1.17 20.37 -3.35
C ASP A 46 1.30 19.20 -4.31
N THR A 47 1.16 19.48 -5.60
CA THR A 47 1.27 18.44 -6.63
C THR A 47 2.75 18.08 -6.75
N TRP A 48 3.02 16.99 -7.48
CA TRP A 48 4.34 16.38 -7.58
C TRP A 48 4.75 16.34 -9.04
N GLU A 49 4.02 15.60 -9.84
CA GLU A 49 4.29 15.59 -11.26
C GLU A 49 3.93 16.94 -11.86
N TRP A 50 4.44 17.15 -13.05
CA TRP A 50 4.10 18.33 -13.83
C TRP A 50 2.58 18.39 -14.14
N ASN A 51 1.93 17.27 -14.31
CA ASN A 51 0.54 17.24 -14.77
C ASN A 51 -0.40 16.59 -13.78
N ASP A 52 -0.04 16.54 -12.52
CA ASP A 52 -0.95 15.97 -11.54
C ASP A 52 -2.30 16.61 -11.63
N VAL A 53 -2.37 17.92 -11.79
CA VAL A 53 -3.67 18.62 -11.87
C VAL A 53 -4.64 17.93 -12.88
N THR A 54 -4.09 17.47 -14.01
CA THR A 54 -4.83 16.74 -15.01
C THR A 54 -5.18 15.32 -14.52
N LEU A 55 -4.22 14.59 -13.98
CA LEU A 55 -4.49 13.19 -13.60
C LEU A 55 -5.44 13.19 -12.42
N TYR A 56 -5.29 14.13 -11.48
CA TYR A 56 -6.29 14.32 -10.43
C TYR A 56 -7.67 14.43 -11.03
N ASP A 57 -7.77 15.20 -12.10
CA ASP A 57 -9.05 15.53 -12.75
C ASP A 57 -9.67 14.28 -13.43
N THR A 58 -8.85 13.56 -14.17
CA THR A 58 -9.18 12.24 -14.74
C THR A 58 -9.60 11.16 -13.72
N LEU A 59 -8.98 11.18 -12.53
CA LEU A 59 -9.39 10.31 -11.42
C LEU A 59 -10.68 10.76 -10.84
N ASN A 60 -10.77 12.03 -10.55
CA ASN A 60 -12.03 12.55 -9.99
C ASN A 60 -13.25 12.54 -10.95
N THR A 61 -13.03 12.36 -12.24
CA THR A 61 -14.14 12.12 -13.15
C THR A 61 -14.64 10.63 -13.23
N LEU A 62 -13.87 9.72 -12.66
CA LEU A 62 -14.35 8.38 -12.45
C LEU A 62 -15.55 8.39 -11.50
N LYS A 63 -15.61 9.37 -10.61
CA LYS A 63 -16.84 9.66 -9.86
C LYS A 63 -18.13 9.87 -10.66
N ASN A 64 -18.02 10.13 -11.96
CA ASN A 64 -19.20 10.32 -12.78
C ASN A 64 -19.86 9.01 -13.16
N ARG A 65 -19.03 8.00 -13.36
CA ARG A 65 -19.50 6.66 -13.52
C ARG A 65 -19.92 6.01 -12.21
N ASN A 66 -19.21 6.28 -11.13
CA ASN A 66 -19.62 5.72 -9.85
C ASN A 66 -19.62 6.78 -8.79
N PRO A 67 -20.75 7.48 -8.65
CA PRO A 67 -20.85 8.56 -7.65
C PRO A 67 -20.51 8.13 -6.23
N ASN A 68 -20.52 6.86 -5.91
CA ASN A 68 -20.23 6.49 -4.56
C ASN A 68 -18.69 6.36 -4.32
N LEU A 69 -17.91 6.32 -5.38
CA LEU A 69 -16.48 6.11 -5.28
C LEU A 69 -15.82 7.22 -4.46
N LYS A 70 -15.10 6.85 -3.38
CA LYS A 70 -14.33 7.82 -2.61
C LYS A 70 -12.88 7.86 -3.07
N THR A 71 -12.31 9.06 -3.12
CA THR A 71 -10.92 9.23 -3.50
C THR A 71 -10.16 9.97 -2.44
N LEU A 72 -8.90 9.64 -2.31
CA LEU A 72 -8.03 10.32 -1.39
C LEU A 72 -6.73 10.65 -2.06
N LEU A 73 -6.04 11.60 -1.47
CA LEU A 73 -4.72 11.92 -1.92
C LEU A 73 -3.77 11.60 -0.82
N SER A 74 -2.66 10.96 -1.21
CA SER A 74 -1.63 10.57 -0.25
C SER A 74 -0.46 11.55 -0.21
N VAL A 75 -0.15 12.07 0.99
CA VAL A 75 1.02 12.97 1.17
C VAL A 75 2.24 12.28 1.79
N GLY A 76 3.36 12.37 1.11
CA GLY A 76 4.55 11.75 1.57
C GLY A 76 5.06 10.72 0.62
N GLY A 77 5.11 9.47 1.06
CA GLY A 77 5.81 8.40 0.34
C GLY A 77 7.30 8.44 0.62
N TRP A 78 8.06 7.60 -0.07
CA TRP A 78 9.47 7.49 0.19
C TRP A 78 10.39 8.45 -0.54
N ASN A 79 10.10 8.72 -1.78
CA ASN A 79 10.84 9.76 -2.51
C ASN A 79 11.02 11.04 -1.66
N TYR A 80 10.23 11.08 -0.61
CA TYR A 80 10.05 12.22 0.22
C TYR A 80 10.72 11.96 1.56
N GLY A 81 11.54 12.90 2.00
CA GLY A 81 12.28 12.75 3.27
C GLY A 81 11.41 12.71 4.52
N SER A 82 11.49 11.59 5.27
CA SER A 82 11.04 11.54 6.67
C SER A 82 11.49 12.80 7.41
N GLN A 83 12.78 13.07 7.23
CA GLN A 83 13.45 14.29 7.68
C GLN A 83 12.58 15.49 7.39
N ARG A 84 12.18 15.65 6.13
CA ARG A 84 11.35 16.79 5.72
C ARG A 84 9.96 16.75 6.33
N PHE A 85 9.36 15.56 6.49
CA PHE A 85 8.06 15.47 7.20
C PHE A 85 8.22 15.86 8.67
N SER A 86 9.26 15.30 9.27
CA SER A 86 9.66 15.65 10.63
C SER A 86 9.71 17.17 10.91
N LYS A 87 10.30 17.90 9.98
CA LYS A 87 10.48 19.36 10.11
C LYS A 87 9.15 20.08 10.07
N ILE A 88 8.30 19.68 9.14
CA ILE A 88 6.97 20.26 9.08
C ILE A 88 6.17 19.99 10.36
N ALA A 89 6.22 18.76 10.88
CA ALA A 89 5.28 18.34 11.94
C ALA A 89 5.72 18.76 13.31
N SER A 90 7.01 18.84 13.51
CA SER A 90 7.55 19.11 14.84
C SER A 90 7.54 20.57 15.28
N LYS A 91 7.09 21.50 14.44
CA LYS A 91 7.01 22.93 14.79
C LYS A 91 5.62 23.49 14.67
N THR A 92 5.14 24.22 15.64
CA THR A 92 3.72 24.59 15.62
C THR A 92 3.30 25.46 14.41
N GLN A 93 4.25 26.10 13.73
CA GLN A 93 3.93 27.04 12.64
C GLN A 93 4.00 26.42 11.24
N SER A 94 4.95 25.51 11.03
CA SER A 94 4.99 24.78 9.79
C SER A 94 3.85 23.74 9.75
N ARG A 95 3.47 23.25 10.91
CA ARG A 95 2.42 22.27 11.02
C ARG A 95 1.08 22.94 10.75
N ARG A 96 0.97 24.20 11.14
CA ARG A 96 -0.26 24.94 11.02
C ARG A 96 -0.50 25.37 9.56
N THR A 97 0.56 25.84 8.91
CA THR A 97 0.51 26.23 7.54
C THR A 97 0.07 25.01 6.74
N PHE A 98 0.76 23.91 6.91
CA PHE A 98 0.42 22.69 6.16
C PHE A 98 -1.05 22.23 6.38
N ILE A 99 -1.47 22.12 7.62
CA ILE A 99 -2.82 21.65 7.91
C ILE A 99 -3.86 22.57 7.27
N LYS A 100 -3.69 23.88 7.45
CA LYS A 100 -4.65 24.79 6.87
C LYS A 100 -4.71 24.69 5.41
N SER A 101 -3.60 24.30 4.80
CA SER A 101 -3.50 24.28 3.34
C SER A 101 -4.20 23.10 2.69
N VAL A 102 -4.55 22.10 3.49
CA VAL A 102 -5.00 20.84 2.95
C VAL A 102 -6.45 20.79 2.46
N PRO A 103 -7.42 21.20 3.27
CA PRO A 103 -8.82 21.19 2.82
C PRO A 103 -9.11 21.94 1.48
N PRO A 104 -8.62 23.19 1.31
CA PRO A 104 -8.97 23.87 0.07
C PRO A 104 -8.28 23.20 -1.09
N PHE A 105 -7.10 22.63 -0.86
CA PHE A 105 -6.41 21.91 -1.94
C PHE A 105 -7.18 20.63 -2.35
N LEU A 106 -7.65 19.86 -1.38
CA LEU A 106 -8.54 18.70 -1.67
C LEU A 106 -9.87 19.08 -2.41
N ARG A 107 -10.56 20.05 -1.87
CA ARG A 107 -11.80 20.56 -2.44
C ARG A 107 -11.60 20.97 -3.92
N THR A 108 -10.64 21.85 -4.18
CA THR A 108 -10.23 22.29 -5.53
C THR A 108 -10.10 21.14 -6.55
N HIS A 109 -9.50 20.01 -6.13
CA HIS A 109 -9.13 18.91 -7.05
C HIS A 109 -10.06 17.71 -6.96
N GLY A 110 -11.02 17.81 -6.05
CA GLY A 110 -12.15 16.88 -6.00
C GLY A 110 -11.95 15.67 -5.09
N PHE A 111 -10.88 15.66 -4.30
CA PHE A 111 -10.68 14.54 -3.38
C PHE A 111 -11.64 14.62 -2.20
N ASP A 112 -11.88 13.45 -1.58
CA ASP A 112 -12.70 13.27 -0.39
C ASP A 112 -11.85 13.15 0.89
N GLY A 113 -10.55 13.00 0.75
CA GLY A 113 -9.74 12.98 1.97
C GLY A 113 -8.25 13.00 1.76
N LEU A 114 -7.56 12.95 2.91
CA LEU A 114 -6.14 12.89 2.95
C LEU A 114 -5.65 11.53 3.49
N ASP A 115 -4.66 10.94 2.79
CA ASP A 115 -3.84 9.86 3.34
C ASP A 115 -2.47 10.40 3.78
N LEU A 116 -2.07 10.14 5.03
CA LEU A 116 -0.75 10.53 5.48
C LEU A 116 0.15 9.40 5.24
N ALA A 117 1.10 9.53 4.32
CA ALA A 117 2.19 8.50 4.10
C ALA A 117 3.60 8.99 4.48
N TRP A 118 3.80 9.14 5.79
CA TRP A 118 5.11 9.47 6.35
C TRP A 118 5.84 8.13 6.57
N LEU A 119 6.83 7.84 5.75
CA LEU A 119 7.61 6.60 5.87
C LEU A 119 9.04 7.00 6.20
N TRP A 120 9.42 6.98 7.47
CA TRP A 120 8.60 6.65 8.64
C TRP A 120 9.06 7.57 9.75
N PRO A 121 8.17 7.90 10.70
CA PRO A 121 8.68 8.71 11.80
C PRO A 121 9.84 8.00 12.56
N GLY A 122 10.82 8.79 13.00
CA GLY A 122 11.82 8.31 13.97
C GLY A 122 11.21 8.42 15.35
N TRP A 123 11.94 7.99 16.39
CA TRP A 123 11.37 7.95 17.75
C TRP A 123 11.20 9.33 18.31
N ARG A 124 12.05 10.26 17.90
CA ARG A 124 11.83 11.68 18.24
C ARG A 124 10.49 12.22 17.60
N ASP A 125 10.05 11.60 16.50
CA ASP A 125 8.85 12.06 15.78
C ASP A 125 7.53 11.60 16.34
N LYS A 126 7.52 10.44 16.98
CA LYS A 126 6.29 9.84 17.50
C LYS A 126 5.28 10.81 18.04
N ARG A 127 5.67 11.66 19.00
CA ARG A 127 4.69 12.60 19.59
C ARG A 127 4.12 13.67 18.59
N HIS A 128 4.87 14.01 17.54
CA HIS A 128 4.44 15.00 16.50
C HIS A 128 3.45 14.42 15.49
N LEU A 129 3.69 13.18 15.08
CA LEU A 129 2.73 12.46 14.27
C LEU A 129 1.40 12.52 15.04
N THR A 130 1.42 12.21 16.33
CA THR A 130 0.17 12.17 17.09
C THR A 130 -0.55 13.51 17.09
N THR A 131 0.24 14.57 17.27
CA THR A 131 -0.27 15.96 17.17
C THR A 131 -0.73 16.29 15.73
N LEU A 132 0.03 15.92 14.72
CA LEU A 132 -0.38 16.20 13.33
C LEU A 132 -1.79 15.68 13.09
N VAL A 133 -1.95 14.36 13.19
CA VAL A 133 -3.22 13.66 13.04
C VAL A 133 -4.38 14.29 13.83
N LYS A 134 -4.09 14.61 15.07
CA LYS A 134 -5.07 15.08 16.01
C LYS A 134 -5.59 16.43 15.52
N GLU A 135 -4.69 17.31 15.11
CA GLU A 135 -5.02 18.69 14.69
C GLU A 135 -5.51 18.75 13.21
N MET A 136 -4.96 17.89 12.37
CA MET A 136 -5.45 17.64 11.02
C MET A 136 -6.95 17.23 11.03
N LYS A 137 -7.28 16.32 11.92
CA LYS A 137 -8.68 15.93 12.08
C LYS A 137 -9.52 17.09 12.58
N ALA A 138 -9.06 17.78 13.62
CA ALA A 138 -9.86 18.87 14.14
C ALA A 138 -10.16 19.87 13.03
N GLU A 139 -9.17 20.16 12.19
CA GLU A 139 -9.37 20.97 11.00
C GLU A 139 -10.43 20.42 10.01
N PHE A 140 -10.38 19.13 9.67
CA PHE A 140 -11.42 18.53 8.87
C PHE A 140 -12.78 18.69 9.59
N VAL A 141 -12.79 18.67 10.94
CA VAL A 141 -14.05 18.86 11.69
C VAL A 141 -14.58 20.27 11.53
N ARG A 142 -13.68 21.22 11.62
CA ARG A 142 -14.00 22.64 11.45
C ARG A 142 -14.51 23.00 10.05
N GLU A 143 -13.88 22.43 9.04
CA GLU A 143 -14.28 22.64 7.66
C GLU A 143 -15.71 22.13 7.34
N ALA A 144 -16.09 20.97 7.86
CA ALA A 144 -17.39 20.37 7.63
C ALA A 144 -18.56 21.29 7.97
N GLN A 145 -18.36 22.26 8.89
CA GLN A 145 -19.42 23.21 9.24
C GLN A 145 -19.87 24.04 8.04
N ALA A 146 -19.01 24.07 7.01
CA ALA A 146 -19.22 24.81 5.73
C ALA A 146 -20.19 24.16 4.73
N GLY A 147 -20.68 22.98 5.11
CA GLY A 147 -21.78 22.33 4.42
C GLY A 147 -21.34 21.10 3.69
N THR A 148 -20.12 21.11 3.18
CA THR A 148 -19.68 19.94 2.48
C THR A 148 -19.33 18.84 3.46
N GLU A 149 -19.61 17.63 3.03
CA GLU A 149 -19.40 16.45 3.81
C GLU A 149 -17.91 16.26 4.22
N GLN A 150 -17.72 16.00 5.51
CA GLN A 150 -16.42 15.83 6.14
C GLN A 150 -15.34 15.06 5.35
N LEU A 151 -14.23 15.72 5.19
CA LEU A 151 -13.07 15.12 4.56
C LEU A 151 -12.59 13.91 5.36
N LEU A 152 -12.28 12.82 4.68
CA LEU A 152 -11.75 11.63 5.31
C LEU A 152 -10.28 11.76 5.63
N LEU A 153 -9.82 11.15 6.72
CA LEU A 153 -8.38 11.15 7.04
C LEU A 153 -7.89 9.72 7.32
N SER A 154 -6.90 9.26 6.57
CA SER A 154 -6.37 7.96 6.78
C SER A 154 -4.86 8.05 6.93
N ALA A 155 -4.17 6.95 7.31
CA ALA A 155 -2.71 6.89 7.38
C ALA A 155 -2.24 5.51 7.00
N ALA A 156 -1.04 5.46 6.41
CA ALA A 156 -0.40 4.23 5.96
C ALA A 156 0.67 3.89 7.00
N VAL A 157 0.61 2.68 7.54
CA VAL A 157 1.42 2.27 8.68
C VAL A 157 2.28 1.03 8.38
N THR A 158 3.50 1.09 8.82
CA THR A 158 4.36 -0.02 8.54
C THR A 158 3.91 -1.23 9.38
N ALA A 159 4.10 -2.42 8.87
CA ALA A 159 3.67 -3.64 9.58
C ALA A 159 4.77 -4.34 10.47
N GLY A 160 5.99 -3.79 10.48
CA GLY A 160 7.10 -4.31 11.27
C GLY A 160 7.06 -3.73 12.66
N LYS A 161 7.06 -4.62 13.66
CA LYS A 161 7.05 -4.27 15.08
C LYS A 161 8.03 -3.15 15.47
N ILE A 162 9.25 -3.26 14.99
CA ILE A 162 10.25 -2.30 15.36
C ILE A 162 9.79 -0.92 14.89
N ALA A 163 9.43 -0.82 13.61
CA ALA A 163 9.03 0.48 13.03
C ALA A 163 7.78 1.02 13.68
N ILE A 164 6.90 0.12 14.13
CA ILE A 164 5.65 0.50 14.83
C ILE A 164 5.90 1.11 16.21
N ASP A 165 6.70 0.43 17.01
CA ASP A 165 7.03 0.90 18.35
C ASP A 165 7.81 2.18 18.24
N ARG A 166 8.69 2.23 17.25
CA ARG A 166 9.56 3.39 17.13
C ARG A 166 8.79 4.70 16.84
N GLY A 167 7.79 4.66 15.94
CA GLY A 167 7.17 5.88 15.39
C GLY A 167 5.69 6.20 15.66
N TYR A 168 4.90 5.25 16.14
CA TYR A 168 3.46 5.44 16.20
C TYR A 168 2.83 5.20 17.56
N ASP A 169 1.92 6.07 17.92
CA ASP A 169 1.18 5.86 19.13
C ASP A 169 -0.16 5.46 18.59
N ILE A 170 -0.34 4.15 18.40
CA ILE A 170 -1.48 3.60 17.68
C ILE A 170 -2.79 3.91 18.38
N ALA A 171 -2.83 3.69 19.70
CA ALA A 171 -4.04 3.98 20.50
C ALA A 171 -4.54 5.36 20.23
N GLN A 172 -3.62 6.31 20.23
CA GLN A 172 -3.98 7.73 20.04
C GLN A 172 -4.44 8.11 18.62
N ILE A 173 -3.73 7.66 17.60
CA ILE A 173 -4.09 8.05 16.23
C ILE A 173 -5.38 7.36 15.73
N SER A 174 -5.55 6.09 16.06
CA SER A 174 -6.83 5.40 15.84
C SER A 174 -8.08 6.12 16.28
N ARG A 175 -8.02 6.89 17.37
CA ARG A 175 -9.18 7.77 17.75
C ARG A 175 -9.66 8.71 16.61
N HIS A 176 -8.71 9.32 15.87
CA HIS A 176 -9.04 10.42 14.95
C HIS A 176 -9.08 10.00 13.52
N LEU A 177 -8.47 8.87 13.20
CA LEU A 177 -8.36 8.36 11.85
C LEU A 177 -9.62 7.58 11.44
N ASP A 178 -9.93 7.60 10.13
CA ASP A 178 -11.14 6.94 9.62
C ASP A 178 -10.79 5.52 9.25
N PHE A 179 -9.50 5.31 8.93
CA PHE A 179 -8.93 4.00 8.85
C PHE A 179 -7.39 4.10 8.75
N ILE A 180 -6.75 2.94 8.97
CA ILE A 180 -5.32 2.76 8.88
C ILE A 180 -5.08 1.62 7.94
N SER A 181 -4.26 1.83 6.92
CA SER A 181 -3.81 0.79 6.03
C SER A 181 -2.47 0.23 6.49
N LEU A 182 -2.52 -1.04 6.92
CA LEU A 182 -1.36 -1.72 7.50
C LEU A 182 -0.49 -2.32 6.41
N LEU A 183 0.78 -1.93 6.35
CA LEU A 183 1.62 -2.20 5.16
C LEU A 183 2.22 -3.59 5.16
N THR A 184 1.38 -4.59 5.33
CA THR A 184 1.81 -5.97 5.51
C THR A 184 2.40 -6.69 4.31
N TYR A 185 3.37 -6.09 3.67
CA TYR A 185 4.14 -6.70 2.61
C TYR A 185 5.59 -6.31 2.50
N ASP A 186 6.25 -5.93 3.58
CA ASP A 186 7.71 -5.65 3.56
C ASP A 186 8.44 -6.46 4.66
N PHE A 187 8.12 -7.74 4.74
CA PHE A 187 8.52 -8.58 5.87
C PHE A 187 9.78 -9.35 5.64
N HIS A 188 10.33 -9.25 4.45
CA HIS A 188 11.59 -9.90 4.17
C HIS A 188 12.59 -8.84 3.75
N GLY A 189 13.33 -8.35 4.75
CA GLY A 189 14.42 -7.42 4.49
C GLY A 189 15.36 -7.90 3.39
N ALA A 190 15.59 -7.05 2.39
CA ALA A 190 16.49 -7.37 1.28
C ALA A 190 17.94 -7.49 1.74
N TRP A 191 18.30 -6.72 2.76
CA TRP A 191 19.61 -6.82 3.39
C TRP A 191 20.02 -8.24 3.82
N ARG A 192 19.05 -9.11 4.04
CA ARG A 192 19.33 -10.51 4.34
C ARG A 192 19.91 -11.18 3.13
N GLN A 193 20.74 -12.19 3.35
CA GLN A 193 21.50 -12.76 2.25
C GLN A 193 20.89 -14.08 1.78
N THR A 194 19.58 -14.20 1.95
CA THR A 194 18.88 -15.41 1.56
C THR A 194 17.55 -15.12 0.94
N VAL A 195 16.94 -16.19 0.53
CA VAL A 195 15.62 -16.15 -0.04
C VAL A 195 14.58 -15.94 1.08
N GLY A 196 13.39 -15.53 0.71
CA GLY A 196 12.36 -15.34 1.70
C GLY A 196 11.19 -14.60 1.14
N HIS A 197 10.04 -14.74 1.78
CA HIS A 197 8.84 -14.08 1.28
C HIS A 197 8.59 -12.87 2.13
N HIS A 198 8.07 -11.82 1.51
CA HIS A 198 7.86 -10.49 2.11
C HIS A 198 6.41 -10.20 2.56
N SER A 199 5.45 -11.04 2.22
CA SER A 199 4.09 -10.83 2.70
C SER A 199 3.53 -12.16 3.14
N PRO A 200 4.32 -12.88 3.94
CA PRO A 200 3.70 -14.10 4.42
C PRO A 200 2.55 -13.78 5.37
N LEU A 201 1.53 -14.63 5.38
CA LEU A 201 0.41 -14.46 6.30
C LEU A 201 0.69 -15.04 7.67
N PHE A 202 1.31 -16.21 7.68
CA PHE A 202 1.72 -16.85 8.93
C PHE A 202 3.23 -17.05 8.92
N ARG A 203 3.79 -17.21 10.12
CA ARG A 203 5.23 -17.41 10.31
C ARG A 203 5.77 -18.64 9.60
N GLY A 204 5.02 -19.73 9.67
CA GLY A 204 5.46 -21.01 9.16
C GLY A 204 6.26 -21.78 10.20
N ASN A 205 6.58 -23.04 9.88
CA ASN A 205 7.29 -23.91 10.81
C ASN A 205 8.77 -24.10 10.51
N GLU A 206 9.17 -23.49 9.40
CA GLU A 206 10.28 -23.93 8.58
C GLU A 206 11.53 -23.90 9.40
N ASP A 207 11.66 -22.81 10.14
CA ASP A 207 12.36 -22.60 11.38
C ASP A 207 11.58 -21.37 11.75
N ALA A 208 11.83 -20.74 12.89
CA ALA A 208 11.18 -19.47 13.15
C ALA A 208 12.14 -18.40 13.60
N SER A 209 12.95 -17.91 12.66
CA SER A 209 13.98 -16.90 12.92
C SER A 209 13.36 -15.56 13.45
N SER A 210 12.24 -15.16 12.85
CA SER A 210 11.39 -14.16 13.41
C SER A 210 9.99 -14.72 13.39
N ARG A 211 9.31 -14.56 14.49
CA ARG A 211 7.98 -14.91 14.55
C ARG A 211 7.16 -13.66 14.42
N PHE A 212 7.78 -12.51 14.25
CA PHE A 212 6.98 -11.25 14.25
C PHE A 212 6.61 -10.78 12.85
N SER A 213 7.15 -11.48 11.84
CA SER A 213 7.43 -11.02 10.48
C SER A 213 6.41 -11.56 9.50
N ASN A 214 5.16 -11.44 9.91
CA ASN A 214 4.07 -11.96 9.14
C ASN A 214 2.86 -11.14 9.45
N ALA A 215 2.00 -11.06 8.45
CA ALA A 215 0.75 -10.29 8.56
C ALA A 215 -0.05 -10.52 9.83
N ASP A 216 -0.24 -11.78 10.19
CA ASP A 216 -1.04 -12.10 11.40
C ASP A 216 -0.35 -11.58 12.66
N TYR A 217 0.96 -11.60 12.69
CA TYR A 217 1.58 -10.93 13.87
C TYR A 217 1.13 -9.45 13.88
N ALA A 218 1.33 -8.79 12.73
CA ALA A 218 1.13 -7.32 12.61
C ALA A 218 -0.25 -6.92 12.99
N VAL A 219 -1.23 -7.69 12.50
CA VAL A 219 -2.64 -7.42 12.82
C VAL A 219 -3.03 -7.64 14.26
N SER A 220 -2.64 -8.79 14.84
CA SER A 220 -2.91 -9.02 16.28
C SER A 220 -2.22 -7.89 17.11
N TYR A 221 -1.01 -7.53 16.68
CA TYR A 221 -0.26 -6.52 17.45
C TYR A 221 -0.93 -5.13 17.46
N MET A 222 -1.37 -4.65 16.30
CA MET A 222 -2.16 -3.42 16.23
C MET A 222 -3.42 -3.46 17.04
N LEU A 223 -4.14 -4.59 16.95
CA LEU A 223 -5.35 -4.77 17.78
C LEU A 223 -5.02 -4.71 19.26
N ARG A 224 -3.96 -5.43 19.65
CA ARG A 224 -3.51 -5.40 21.04
C ARG A 224 -3.05 -3.97 21.40
N LEU A 225 -2.46 -3.28 20.42
CA LEU A 225 -2.09 -1.85 20.62
C LEU A 225 -3.29 -0.87 20.71
N GLY A 226 -4.53 -1.36 20.59
CA GLY A 226 -5.76 -0.52 20.70
C GLY A 226 -6.23 0.13 19.39
N ALA A 227 -5.89 -0.49 18.26
CA ALA A 227 -6.47 -0.09 16.99
C ALA A 227 -7.76 -0.87 16.81
N PRO A 228 -8.94 -0.20 16.78
CA PRO A 228 -10.12 -1.10 16.69
C PRO A 228 -10.20 -1.82 15.34
N ALA A 229 -10.71 -3.04 15.33
CA ALA A 229 -10.73 -3.82 14.12
C ALA A 229 -11.43 -3.03 13.06
N ASN A 230 -12.53 -2.34 13.41
CA ASN A 230 -13.32 -1.60 12.42
C ASN A 230 -12.62 -0.37 11.83
N LYS A 231 -11.40 -0.07 12.26
CA LYS A 231 -10.59 0.98 11.61
C LYS A 231 -9.34 0.45 10.93
N LEU A 232 -9.28 -0.85 10.74
CA LEU A 232 -8.04 -1.46 10.33
C LEU A 232 -8.22 -2.12 9.05
N VAL A 233 -7.24 -1.97 8.18
CA VAL A 233 -7.35 -2.42 6.84
C VAL A 233 -6.06 -3.09 6.49
N MET A 234 -6.11 -4.31 6.03
CA MET A 234 -4.87 -5.03 5.81
C MET A 234 -4.34 -4.92 4.39
N GLY A 235 -3.05 -4.74 4.28
CA GLY A 235 -2.45 -4.43 3.01
C GLY A 235 -2.14 -5.69 2.29
N ILE A 236 -2.52 -5.72 1.03
CA ILE A 236 -2.23 -6.87 0.20
C ILE A 236 -1.41 -6.44 -1.00
N PRO A 237 -0.27 -7.11 -1.24
CA PRO A 237 0.52 -6.63 -2.35
C PRO A 237 0.11 -7.22 -3.67
N THR A 238 0.28 -6.41 -4.71
CA THR A 238 -0.04 -6.80 -6.06
C THR A 238 1.24 -7.07 -6.89
N PHE A 239 2.36 -6.63 -6.37
CA PHE A 239 3.66 -6.86 -6.97
C PHE A 239 4.34 -8.07 -6.33
N GLY A 240 5.51 -8.43 -6.83
CA GLY A 240 6.36 -9.43 -6.24
C GLY A 240 7.75 -8.84 -6.03
N ARG A 241 8.63 -9.55 -5.36
CA ARG A 241 10.01 -9.20 -5.22
C ARG A 241 10.87 -10.29 -5.74
N SER A 242 11.97 -9.92 -6.28
CA SER A 242 12.86 -10.86 -6.94
C SER A 242 14.27 -10.76 -6.42
N TYR A 243 14.97 -11.87 -6.53
CA TYR A 243 16.35 -11.95 -6.07
C TYR A 243 17.06 -12.82 -7.05
N THR A 244 18.28 -12.42 -7.40
CA THR A 244 19.20 -13.25 -8.15
C THR A 244 19.81 -14.25 -7.17
N LEU A 245 20.04 -15.46 -7.62
CA LEU A 245 20.51 -16.55 -6.73
C LEU A 245 22.01 -16.70 -6.73
N ALA A 246 22.57 -17.01 -5.54
CA ALA A 246 24.03 -17.22 -5.42
C ALA A 246 24.45 -18.65 -5.80
N SER A 247 23.47 -19.55 -5.97
CA SER A 247 23.75 -20.93 -6.32
C SER A 247 22.55 -21.57 -7.02
N SER A 248 22.54 -22.89 -7.12
CA SER A 248 21.38 -23.62 -7.64
C SER A 248 20.45 -23.95 -6.50
N LYS A 249 20.84 -23.58 -5.27
CA LYS A 249 19.93 -23.67 -4.11
C LYS A 249 18.74 -22.73 -4.31
N THR A 250 17.55 -23.22 -3.96
CA THR A 250 16.26 -22.63 -4.34
C THR A 250 15.17 -22.68 -3.25
N ASP A 251 15.47 -23.29 -2.11
CA ASP A 251 14.47 -23.53 -1.06
C ASP A 251 14.82 -22.71 0.17
N VAL A 252 14.06 -22.89 1.23
CA VAL A 252 14.27 -22.16 2.49
C VAL A 252 15.76 -21.93 2.76
N GLY A 253 16.15 -20.65 2.94
CA GLY A 253 17.52 -20.27 3.30
C GLY A 253 18.52 -20.08 2.17
N ALA A 254 18.06 -20.35 0.93
CA ALA A 254 18.93 -20.36 -0.25
C ALA A 254 19.62 -19.02 -0.48
N PRO A 255 20.96 -19.02 -0.63
CA PRO A 255 21.73 -17.79 -0.62
C PRO A 255 21.52 -16.92 -1.86
N ILE A 256 21.84 -15.62 -1.73
CA ILE A 256 21.47 -14.57 -2.66
C ILE A 256 22.66 -13.66 -3.01
N SER A 257 22.82 -13.35 -4.30
CA SER A 257 23.87 -12.43 -4.77
C SER A 257 23.34 -11.01 -4.72
N GLY A 258 22.02 -10.87 -4.72
CA GLY A 258 21.36 -9.57 -4.58
C GLY A 258 19.93 -9.58 -5.13
N PRO A 259 19.41 -8.40 -5.47
CA PRO A 259 18.09 -8.37 -6.09
C PRO A 259 18.06 -8.89 -7.50
N GLY A 260 16.84 -9.15 -7.96
CA GLY A 260 16.56 -9.70 -9.28
C GLY A 260 16.67 -8.65 -10.36
N ILE A 261 16.88 -9.10 -11.59
CA ILE A 261 17.10 -8.16 -12.70
C ILE A 261 15.82 -7.36 -12.89
N PRO A 262 15.94 -6.11 -13.38
CA PRO A 262 14.73 -5.27 -13.64
C PRO A 262 13.66 -5.95 -14.53
N GLY A 263 12.40 -5.75 -14.15
CA GLY A 263 11.26 -6.15 -14.97
C GLY A 263 11.22 -5.28 -16.20
N ARG A 264 10.55 -5.80 -17.21
CA ARG A 264 10.66 -5.20 -18.51
C ARG A 264 9.99 -3.86 -18.53
N PHE A 265 8.91 -3.73 -17.78
CA PHE A 265 8.11 -2.50 -17.84
C PHE A 265 8.29 -1.62 -16.60
N THR A 266 8.58 -2.23 -15.46
CA THR A 266 8.78 -1.49 -14.24
C THR A 266 10.23 -1.06 -14.07
N LYS A 267 11.17 -1.79 -14.67
CA LYS A 267 12.57 -1.35 -14.72
C LYS A 267 13.10 -0.92 -13.36
N TRP A 268 12.94 -1.81 -12.39
CA TRP A 268 13.43 -1.58 -11.05
C TRP A 268 14.04 -2.88 -10.55
N LYS A 269 15.32 -2.87 -10.27
CA LYS A 269 15.93 -4.04 -9.65
C LYS A 269 15.18 -4.43 -8.36
N GLY A 270 14.79 -5.69 -8.21
CA GLY A 270 14.15 -6.20 -6.96
C GLY A 270 12.61 -6.27 -6.89
N ILE A 271 11.94 -5.75 -7.89
CA ILE A 271 10.49 -5.69 -7.84
C ILE A 271 9.94 -6.12 -9.19
N LEU A 272 8.75 -6.73 -9.18
CA LEU A 272 8.01 -7.07 -10.42
C LEU A 272 6.50 -6.83 -10.21
N ALA A 273 5.84 -6.31 -11.25
CA ALA A 273 4.39 -6.20 -11.26
C ALA A 273 3.79 -7.57 -11.52
N TYR A 274 2.53 -7.72 -11.14
CA TYR A 274 1.90 -9.04 -11.30
C TYR A 274 1.84 -9.42 -12.78
N TYR A 275 1.69 -8.43 -13.67
CA TYR A 275 1.64 -8.74 -15.10
C TYR A 275 2.97 -9.27 -15.63
N GLU A 276 4.08 -8.79 -15.05
CA GLU A 276 5.44 -9.22 -15.45
C GLU A 276 5.77 -10.54 -14.77
N ILE A 277 5.12 -10.78 -13.65
CA ILE A 277 5.18 -12.09 -13.01
C ILE A 277 4.45 -13.19 -13.78
N CYS A 278 3.23 -12.95 -14.25
CA CYS A 278 2.54 -13.99 -15.05
C CYS A 278 3.35 -14.41 -16.28
N ASP A 279 4.18 -13.50 -16.77
CA ASP A 279 5.02 -13.79 -17.91
C ASP A 279 6.26 -14.54 -17.50
N PHE A 280 6.81 -14.17 -16.36
CA PHE A 280 7.91 -14.91 -15.74
C PHE A 280 7.56 -16.38 -15.42
N LEU A 281 6.29 -16.65 -15.12
CA LEU A 281 5.85 -18.00 -14.75
C LEU A 281 6.03 -19.04 -15.86
N HIS A 282 5.88 -18.58 -17.11
CA HIS A 282 6.09 -19.46 -18.26
C HIS A 282 7.52 -19.91 -18.23
N GLY A 283 7.71 -21.21 -18.01
CA GLY A 283 9.04 -21.78 -17.97
C GLY A 283 9.60 -21.84 -16.56
N ALA A 284 8.81 -21.40 -15.56
CA ALA A 284 9.22 -21.39 -14.15
C ALA A 284 8.87 -22.68 -13.42
N THR A 285 9.56 -22.88 -12.32
CA THR A 285 9.12 -23.85 -11.31
C THR A 285 8.35 -23.13 -10.18
N THR A 286 7.18 -23.66 -9.88
CA THR A 286 6.26 -23.03 -8.96
C THR A 286 6.19 -23.77 -7.61
N HIS A 287 6.22 -23.03 -6.50
CA HIS A 287 6.11 -23.63 -5.17
C HIS A 287 5.24 -22.78 -4.23
N ARG A 288 4.82 -23.38 -3.15
CA ARG A 288 4.00 -22.69 -2.20
C ARG A 288 4.53 -22.99 -0.80
N PHE A 289 4.90 -21.95 -0.08
CA PHE A 289 5.18 -22.12 1.36
C PHE A 289 3.86 -22.55 1.97
N ARG A 290 3.79 -23.82 2.34
CA ARG A 290 2.57 -24.39 2.95
C ARG A 290 2.13 -23.53 4.15
N ASP A 291 2.98 -23.41 5.15
CA ASP A 291 2.63 -22.67 6.37
C ASP A 291 2.30 -21.17 6.20
N GLN A 292 3.04 -20.44 5.38
CA GLN A 292 2.86 -19.00 5.27
C GLN A 292 1.78 -18.67 4.24
N GLN A 293 1.40 -19.69 3.46
CA GLN A 293 0.25 -19.66 2.54
C GLN A 293 0.38 -18.62 1.43
N VAL A 294 1.58 -18.56 0.86
CA VAL A 294 1.90 -17.64 -0.21
C VAL A 294 2.90 -18.32 -1.12
N PRO A 295 2.88 -18.01 -2.42
CA PRO A 295 3.68 -18.71 -3.42
C PRO A 295 4.97 -18.05 -3.79
N TYR A 296 5.82 -18.83 -4.42
CA TYR A 296 7.03 -18.32 -5.02
C TYR A 296 7.37 -19.11 -6.27
N ALA A 297 8.30 -18.56 -7.04
CA ALA A 297 8.61 -19.11 -8.35
C ALA A 297 10.07 -18.94 -8.65
N THR A 298 10.60 -19.77 -9.53
CA THR A 298 12.02 -19.72 -9.86
C THR A 298 12.37 -20.34 -11.20
N LYS A 299 13.37 -19.72 -11.81
CA LYS A 299 13.89 -20.11 -13.10
C LYS A 299 15.28 -19.50 -13.18
N GLY A 300 16.08 -20.00 -14.10
CA GLY A 300 17.44 -19.47 -14.29
C GLY A 300 18.03 -19.11 -12.94
N ASN A 301 18.66 -17.97 -12.82
CA ASN A 301 19.19 -17.57 -11.52
C ASN A 301 18.24 -16.60 -10.77
N GLN A 302 16.94 -16.76 -11.02
CA GLN A 302 16.01 -15.78 -10.52
C GLN A 302 14.91 -16.47 -9.73
N TRP A 303 14.59 -15.87 -8.57
CA TRP A 303 13.73 -16.41 -7.55
C TRP A 303 12.78 -15.28 -7.19
N VAL A 304 11.50 -15.58 -7.05
CA VAL A 304 10.51 -14.56 -6.90
C VAL A 304 9.43 -14.95 -5.96
N ALA A 305 9.24 -14.10 -4.95
CA ALA A 305 8.10 -14.15 -4.04
C ALA A 305 6.97 -13.20 -4.53
N TYR A 306 5.75 -13.71 -4.42
CA TYR A 306 4.63 -13.04 -5.00
C TYR A 306 3.32 -13.52 -4.41
N ASP A 307 2.26 -12.83 -4.79
CA ASP A 307 0.90 -13.15 -4.37
C ASP A 307 0.10 -13.50 -5.61
N ASP A 308 -0.91 -14.36 -5.45
CA ASP A 308 -1.71 -14.80 -6.58
C ASP A 308 -3.16 -14.83 -6.15
N GLN A 309 -4.03 -15.20 -7.07
CA GLN A 309 -5.47 -15.16 -6.78
C GLN A 309 -5.82 -15.96 -5.58
N GLU A 310 -5.13 -17.09 -5.41
CA GLU A 310 -5.35 -17.91 -4.28
C GLU A 310 -4.84 -17.26 -2.99
N SER A 311 -3.62 -16.71 -2.96
CA SER A 311 -3.12 -16.16 -1.71
C SER A 311 -3.82 -14.85 -1.36
N VAL A 312 -4.24 -14.16 -2.39
CA VAL A 312 -4.94 -12.90 -2.21
C VAL A 312 -6.35 -13.20 -1.67
N LYS A 313 -6.92 -14.34 -2.09
CA LYS A 313 -8.27 -14.72 -1.65
C LYS A 313 -8.21 -15.07 -0.19
N ASN A 314 -7.20 -15.87 0.12
CA ASN A 314 -6.94 -16.40 1.43
C ASN A 314 -6.67 -15.30 2.48
N LYS A 315 -5.96 -14.25 2.07
CA LYS A 315 -5.81 -13.07 2.93
C LYS A 315 -7.12 -12.35 3.20
N ALA A 316 -7.95 -12.26 2.14
CA ALA A 316 -9.26 -11.63 2.29
C ALA A 316 -10.19 -12.46 3.15
N ARG A 317 -10.13 -13.76 3.04
CA ARG A 317 -10.86 -14.57 4.06
C ARG A 317 -10.35 -14.25 5.46
N TYR A 318 -9.03 -14.16 5.60
CA TYR A 318 -8.46 -13.94 6.92
C TYR A 318 -8.87 -12.67 7.52
N LEU A 319 -8.90 -11.62 6.71
CA LEU A 319 -9.25 -10.33 7.33
C LEU A 319 -10.74 -10.22 7.67
N LYS A 320 -11.61 -10.87 6.89
CA LYS A 320 -13.06 -10.95 7.24
C LYS A 320 -13.24 -11.74 8.56
N ASN A 321 -12.57 -12.91 8.63
CA ASN A 321 -12.68 -13.75 9.85
C ASN A 321 -12.28 -12.99 11.07
N ARG A 322 -11.35 -12.06 10.87
CA ARG A 322 -10.81 -11.24 11.92
C ARG A 322 -11.60 -10.00 12.06
N GLN A 323 -12.57 -9.81 11.15
CA GLN A 323 -13.47 -8.66 11.19
C GLN A 323 -12.77 -7.33 11.03
N LEU A 324 -11.77 -7.33 10.17
CA LEU A 324 -11.12 -6.08 9.86
C LEU A 324 -12.09 -5.25 8.99
N ALA A 325 -11.82 -3.96 8.92
CA ALA A 325 -12.59 -3.03 8.17
C ALA A 325 -12.48 -3.28 6.66
N GLY A 326 -11.38 -3.86 6.16
CA GLY A 326 -11.26 -4.20 4.74
C GLY A 326 -9.85 -4.50 4.36
N ALA A 327 -9.58 -4.44 3.05
CA ALA A 327 -8.21 -4.63 2.47
C ALA A 327 -7.67 -3.38 1.79
N MET A 328 -6.35 -3.28 1.75
CA MET A 328 -5.69 -2.26 0.99
C MET A 328 -4.89 -2.95 -0.10
N VAL A 329 -4.94 -2.42 -1.30
CA VAL A 329 -4.13 -2.99 -2.40
C VAL A 329 -3.00 -2.04 -2.80
N TRP A 330 -1.81 -2.59 -2.82
CA TRP A 330 -0.69 -1.98 -3.46
C TRP A 330 -0.20 -2.80 -4.65
N ALA A 331 -0.43 -2.37 -5.90
CA ALA A 331 -1.23 -1.20 -6.29
C ALA A 331 -1.84 -1.35 -7.68
N LEU A 332 -2.82 -0.53 -7.98
CA LEU A 332 -3.64 -0.79 -9.19
C LEU A 332 -2.82 -0.88 -10.43
N ASP A 333 -1.71 -0.16 -10.50
CA ASP A 333 -0.88 -0.19 -11.73
C ASP A 333 0.08 -1.34 -11.82
N LEU A 334 0.14 -2.13 -10.73
CA LEU A 334 0.97 -3.33 -10.64
C LEU A 334 0.14 -4.64 -10.70
N ASP A 335 -1.17 -4.50 -10.67
CA ASP A 335 -2.08 -5.61 -10.96
C ASP A 335 -2.05 -5.72 -12.46
N ASP A 336 -2.51 -6.83 -13.04
CA ASP A 336 -2.71 -6.90 -14.54
C ASP A 336 -3.89 -6.02 -14.97
N PHE A 337 -3.65 -4.71 -15.03
CA PHE A 337 -4.73 -3.77 -15.27
C PHE A 337 -5.31 -3.85 -16.69
N ARG A 338 -4.50 -4.19 -17.69
CA ARG A 338 -4.98 -4.41 -19.06
C ARG A 338 -5.74 -5.72 -19.22
N GLY A 339 -5.50 -6.65 -18.31
CA GLY A 339 -6.01 -8.02 -18.40
C GLY A 339 -5.46 -8.87 -19.53
N THR A 340 -4.34 -8.48 -20.13
CA THR A 340 -3.86 -9.16 -21.34
C THR A 340 -2.75 -10.20 -21.09
N PHE A 341 -2.06 -10.09 -19.97
CA PHE A 341 -0.92 -10.95 -19.68
C PHE A 341 -1.26 -12.28 -19.05
N CYS A 342 -2.25 -12.30 -18.15
CA CYS A 342 -2.38 -13.42 -17.20
C CYS A 342 -3.39 -14.55 -17.62
N GLY A 343 -3.50 -14.77 -18.93
CA GLY A 343 -4.20 -15.94 -19.45
C GLY A 343 -5.68 -15.69 -19.57
N GLN A 344 -6.36 -15.40 -18.47
CA GLN A 344 -7.77 -15.04 -18.52
C GLN A 344 -7.88 -13.61 -18.94
N ASN A 345 -8.92 -13.22 -19.66
CA ASN A 345 -8.94 -11.87 -20.23
C ASN A 345 -8.93 -10.81 -19.12
N LEU A 346 -9.17 -11.29 -17.92
CA LEU A 346 -9.69 -10.57 -16.78
C LEU A 346 -8.71 -9.48 -16.45
N THR A 347 -9.22 -8.27 -16.30
CA THR A 347 -8.38 -7.14 -15.91
C THR A 347 -8.46 -6.89 -14.41
N PHE A 348 -7.35 -6.45 -13.82
CA PHE A 348 -7.26 -6.40 -12.35
C PHE A 348 -7.61 -7.75 -11.73
N PRO A 349 -7.00 -8.81 -12.23
CA PRO A 349 -7.33 -10.12 -11.68
C PRO A 349 -7.11 -10.22 -10.18
N LEU A 350 -6.00 -9.67 -9.66
CA LEU A 350 -5.72 -9.77 -8.22
C LEU A 350 -6.72 -9.00 -7.41
N THR A 351 -7.01 -7.78 -7.84
CA THR A 351 -7.95 -6.91 -7.07
C THR A 351 -9.39 -7.43 -7.11
N SER A 352 -9.77 -8.09 -8.21
CA SER A 352 -11.13 -8.61 -8.34
C SER A 352 -11.34 -9.84 -7.48
N ALA A 353 -10.36 -10.73 -7.45
CA ALA A 353 -10.42 -11.87 -6.50
C ALA A 353 -10.73 -11.37 -5.08
N ILE A 354 -10.04 -10.32 -4.63
CA ILE A 354 -10.30 -9.78 -3.29
C ILE A 354 -11.73 -9.29 -3.16
N LYS A 355 -12.11 -8.52 -4.17
CA LYS A 355 -13.42 -7.92 -4.21
C LYS A 355 -14.52 -8.93 -4.18
N ASP A 356 -14.36 -9.97 -5.02
CA ASP A 356 -15.26 -11.14 -5.04
C ASP A 356 -15.36 -11.73 -3.63
N VAL A 357 -14.21 -11.91 -2.97
CA VAL A 357 -14.28 -12.53 -1.65
C VAL A 357 -14.95 -11.62 -0.64
N LEU A 358 -14.70 -10.33 -0.72
CA LEU A 358 -15.25 -9.40 0.32
C LEU A 358 -16.79 -9.41 0.32
N ALA A 359 -17.33 -9.74 -0.82
CA ALA A 359 -18.76 -9.76 -1.02
C ALA A 359 -19.36 -11.04 -0.48
N ARG A 360 -18.61 -12.16 -0.46
CA ARG A 360 -19.15 -13.46 0.13
C ARG A 360 -19.83 -13.33 1.54
N VAL A 361 -20.74 -14.27 1.86
CA VAL A 361 -21.06 -14.58 3.27
C VAL A 361 -19.97 -15.48 3.88
C1 NAG B . 8.70 19.24 -3.47
C2 NAG B . 9.42 19.36 -4.82
C3 NAG B . 10.88 19.77 -4.54
C4 NAG B . 10.86 21.09 -3.80
C5 NAG B . 10.23 20.70 -2.44
C6 NAG B . 10.40 21.74 -1.34
C7 NAG B . 8.75 17.97 -6.76
C8 NAG B . 8.95 16.69 -7.54
N2 NAG B . 9.46 18.14 -5.63
O3 NAG B . 11.63 19.83 -5.71
O4 NAG B . 12.14 21.72 -3.74
O5 NAG B . 8.84 20.39 -2.67
O6 NAG B . 9.61 22.87 -1.64
O7 NAG B . 7.94 18.79 -7.20
C1 PYE C . 4.47 -0.15 1.23
C2 PYE C . 5.85 0.47 1.12
C3 PYE C . 5.75 1.98 0.93
C4 PYE C . 4.77 2.31 -0.19
C5 PYE C . 3.45 1.59 0.00
O5 PYE C . 3.70 0.18 0.09
#